data_5F9A
#
_entry.id   5F9A
#
_cell.length_a   124.047
_cell.length_b   136.167
_cell.length_c   124.634
_cell.angle_alpha   90.00
_cell.angle_beta   90.00
_cell.angle_gamma   90.00
#
_symmetry.space_group_name_H-M   'C 2 2 21'
#
loop_
_entity.id
_entity.type
_entity.pdbx_description
1 polymer 'Adhesin binding fucosylated histo-blood group antigen,Adhesin,Adhesin binding fucosylated histo-blood group antigen'
2 polymer 'Nanobody Nb-ER19'
3 branched alpha-L-fucopyranose-(1-2)-beta-D-galactopyranose-(1-3)-[alpha-L-fucopyranose-(1-4)]2-acetamido-2-deoxy-beta-D-glucopyranose-(1-3)-beta-D-galactopyranose-(1-4)-alpha-D-glucopyranose
4 water water
#
loop_
_entity_poly.entity_id
_entity_poly.type
_entity_poly.pdbx_seq_one_letter_code
_entity_poly.pdbx_strand_id
1 'polypeptide(L)'
;ASWSHPQFEKSGGGGGLVPRGSGIQDLSDNYENLSKLLTRYSTLNTLIKLSADPSAINAARENLGASAKNLIGDTKNSPA
YQAVLLAINAAVGFWNVLGYATQCGGNANGQESTSSTTIFNNEPGYRSTSITCSLNRYKPGYYGPMSIENFKKLNEAYQI
LQTALNKGLPALKENNGTINVEYTYTCSGGGNTNCDPSLFGIGGDGRNGGSVTKTQTIDGKQVNTTISSKVVQPPHSAAY
TEITNALNGVPDSAQALLAQASTLINTINTACPYFSVTNKSGGPQMEPTRGKLCGFTEEISAIQKMITDAQELVNQTSVI
NEHEQSTPVGGNNGKPFNPFTDASFAQGMLANASAQAKMLNLAHQVGQTINPDNLTGTFKNFVTGFLATCNNKSTAGTSG
TQGSPPGTVTTQTFASGCAYVEQTITNLNNSIAHFGTQEQQIQQAENIADTLVNFGSHHHHHH
;
A
2 'polypeptide(L)'
;QVQLQESGGGLVQPGGSLRLSCAASGSIFSGNVMGWYRQAPGKLREWVAAITPQGVPNYADSVKGRFTISRDNAKNMLYL
QMSSLKPEDTALYYCNRLPNYRSWGQGTQVTVSSHHHHHH
;
C
#
loop_
_chem_comp.id
_chem_comp.type
_chem_comp.name
_chem_comp.formula
FUC L-saccharide, alpha linking alpha-L-fucopyranose 'C6 H12 O5'
GAL D-saccharide, beta linking beta-D-galactopyranose 'C6 H12 O6'
GLC D-saccharide, alpha linking alpha-D-glucopyranose 'C6 H12 O6'
NAG D-saccharide, beta linking 2-acetamido-2-deoxy-beta-D-glucopyranose 'C8 H15 N O6'
#
# COMPACT_ATOMS: atom_id res chain seq x y z
N GLU A 32 22.50 21.85 33.56
CA GLU A 32 22.12 22.88 34.60
C GLU A 32 20.91 23.66 34.12
N ASN A 33 21.19 24.72 33.37
CA ASN A 33 20.27 25.74 33.02
C ASN A 33 20.07 25.73 31.54
N LEU A 34 19.31 26.70 31.02
CA LEU A 34 18.79 26.54 29.68
C LEU A 34 19.74 27.11 28.68
N SER A 35 20.40 28.20 29.04
CA SER A 35 21.35 28.83 28.14
C SER A 35 22.33 27.80 27.65
N LYS A 36 23.00 27.13 28.59
CA LYS A 36 23.99 26.13 28.25
C LYS A 36 23.37 25.02 27.40
N LEU A 37 22.15 24.66 27.71
CA LEU A 37 21.53 23.62 26.94
C LEU A 37 21.27 24.00 25.45
N LEU A 38 20.98 25.28 25.23
CA LEU A 38 20.67 25.81 23.90
C LEU A 38 21.90 26.21 23.14
N THR A 39 23.01 26.30 23.85
CA THR A 39 24.34 26.54 23.26
C THR A 39 24.83 25.27 22.57
N ARG A 40 24.32 24.14 23.03
CA ARG A 40 24.69 22.88 22.46
C ARG A 40 23.63 22.44 21.44
N TYR A 41 22.37 22.87 21.58
CA TYR A 41 21.33 22.33 20.71
C TYR A 41 20.52 23.45 20.15
N SER A 42 21.02 24.13 19.14
CA SER A 42 20.35 25.35 18.63
C SER A 42 19.05 25.11 17.90
N THR A 43 18.89 23.97 17.27
CA THR A 43 17.62 23.74 16.68
C THR A 43 16.53 23.70 17.77
N LEU A 44 16.92 23.47 19.01
CA LEU A 44 15.97 23.49 20.08
C LEU A 44 15.59 24.93 20.43
N ASN A 45 16.58 25.79 20.42
CA ASN A 45 16.29 27.17 20.58
C ASN A 45 15.37 27.72 19.53
N THR A 46 15.49 27.25 18.31
CA THR A 46 14.66 27.70 17.27
C THR A 46 13.29 27.09 17.49
N LEU A 47 13.21 25.85 17.93
CA LEU A 47 11.93 25.26 18.24
C LEU A 47 11.14 26.03 19.33
N ILE A 48 11.82 26.54 20.32
CA ILE A 48 11.11 27.26 21.34
C ILE A 48 10.60 28.60 20.82
N LYS A 49 11.40 29.26 20.01
CA LYS A 49 11.01 30.52 19.43
C LYS A 49 9.74 30.38 18.62
N LEU A 50 9.67 29.31 17.85
CA LEU A 50 8.50 29.00 17.06
C LEU A 50 7.27 28.66 17.89
N SER A 51 7.48 27.91 18.95
CA SER A 51 6.41 27.49 19.80
C SER A 51 5.79 28.63 20.53
N ALA A 52 6.48 29.75 20.58
CA ALA A 52 5.91 30.91 21.22
C ALA A 52 5.17 31.87 20.29
N ASP A 53 5.16 31.57 19.00
CA ASP A 53 4.75 32.51 17.98
C ASP A 53 3.54 31.97 17.24
N PRO A 54 2.39 32.54 17.53
CA PRO A 54 1.16 32.05 16.98
C PRO A 54 1.18 31.96 15.45
N SER A 55 1.87 32.83 14.75
CA SER A 55 1.81 32.68 13.32
C SER A 55 2.67 31.53 12.85
N ALA A 56 3.71 31.14 13.58
CA ALA A 56 4.50 29.94 13.18
C ALA A 56 3.72 28.67 13.51
N ILE A 57 3.02 28.70 14.62
CA ILE A 57 2.12 27.61 14.95
C ILE A 57 1.01 27.46 13.90
N ASN A 58 0.37 28.55 13.55
CA ASN A 58 -0.71 28.53 12.54
C ASN A 58 -0.20 28.08 11.18
N ALA A 59 1.03 28.43 10.83
CA ALA A 59 1.61 27.97 9.57
C ALA A 59 1.73 26.43 9.65
N ALA A 60 2.30 25.93 10.74
CA ALA A 60 2.43 24.49 10.85
C ALA A 60 1.07 23.81 10.84
N ARG A 61 0.07 24.40 11.48
CA ARG A 61 -1.28 23.85 11.40
C ARG A 61 -1.81 23.88 9.95
N GLU A 62 -1.59 24.98 9.20
CA GLU A 62 -1.94 24.91 7.76
C GLU A 62 -1.24 23.76 7.05
N ASN A 63 0.06 23.60 7.27
CA ASN A 63 0.80 22.55 6.58
C ASN A 63 0.16 21.20 6.85
N LEU A 64 -0.30 20.99 8.10
CA LEU A 64 -0.95 19.73 8.46
C LEU A 64 -2.24 19.52 7.69
N GLY A 65 -2.96 20.62 7.43
CA GLY A 65 -4.17 20.53 6.66
C GLY A 65 -3.85 20.05 5.26
N ALA A 66 -2.78 20.59 4.69
CA ALA A 66 -2.39 20.29 3.31
C ALA A 66 -1.80 18.90 3.14
N SER A 67 -1.02 18.44 4.12
CA SER A 67 -0.41 17.15 4.00
C SER A 67 -1.45 16.06 4.27
N ALA A 68 -2.35 16.32 5.19
CA ALA A 68 -3.51 15.42 5.34
C ALA A 68 -4.24 15.28 4.02
N LYS A 69 -4.52 16.36 3.35
CA LYS A 69 -5.13 16.26 2.03
C LYS A 69 -4.28 15.45 1.02
N ASN A 70 -2.97 15.66 0.97
CA ASN A 70 -2.14 14.81 0.18
C ASN A 70 -2.30 13.33 0.54
N LEU A 71 -2.46 12.99 1.81
CA LEU A 71 -2.49 11.55 2.21
C LEU A 71 -3.85 10.90 2.01
N ILE A 72 -4.92 11.58 2.43
CA ILE A 72 -6.24 10.97 2.45
C ILE A 72 -7.22 11.47 1.44
N GLY A 73 -6.95 12.60 0.84
CA GLY A 73 -7.77 13.16 -0.25
C GLY A 73 -7.24 12.91 -1.66
N ASP A 74 -5.93 12.78 -1.82
CA ASP A 74 -5.31 12.56 -3.15
C ASP A 74 -5.19 11.03 -3.47
N THR A 75 -4.94 10.70 -4.73
CA THR A 75 -4.66 9.33 -5.11
C THR A 75 -3.21 9.13 -5.62
N LYS A 76 -2.88 9.55 -6.84
CA LYS A 76 -1.52 9.35 -7.37
C LYS A 76 -0.44 9.86 -6.47
N ASN A 77 -0.60 11.05 -5.92
CA ASN A 77 0.41 11.57 -5.00
C ASN A 77 0.42 11.00 -3.58
N SER A 78 -0.54 10.18 -3.17
CA SER A 78 -0.55 9.72 -1.79
C SER A 78 0.18 8.39 -1.56
N PRO A 79 1.21 8.42 -0.75
CA PRO A 79 1.92 7.22 -0.40
C PRO A 79 1.02 6.22 0.25
N ALA A 80 0.05 6.76 0.97
CA ALA A 80 -0.95 5.96 1.65
C ALA A 80 -1.80 5.25 0.61
N TYR A 81 -2.37 6.02 -0.30
CA TYR A 81 -3.18 5.39 -1.35
C TYR A 81 -2.39 4.27 -2.08
N GLN A 82 -1.16 4.57 -2.51
CA GLN A 82 -0.31 3.60 -3.20
C GLN A 82 0.00 2.39 -2.36
N ALA A 83 0.16 2.55 -1.06
CA ALA A 83 0.45 1.38 -0.26
C ALA A 83 -0.75 0.50 -0.14
N VAL A 84 -1.92 1.13 -0.08
CA VAL A 84 -3.11 0.33 0.08
C VAL A 84 -3.26 -0.47 -1.19
N LEU A 85 -3.09 0.24 -2.29
CA LEU A 85 -3.17 -0.31 -3.60
C LEU A 85 -2.17 -1.45 -3.81
N LEU A 86 -0.97 -1.36 -3.23
CA LEU A 86 0.03 -2.41 -3.42
C LEU A 86 -0.34 -3.65 -2.68
N ALA A 87 -0.85 -3.46 -1.46
CA ALA A 87 -1.22 -4.57 -0.62
C ALA A 87 -2.28 -5.35 -1.31
N ILE A 88 -3.24 -4.67 -1.95
CA ILE A 88 -4.36 -5.36 -2.58
C ILE A 88 -3.93 -6.05 -3.86
N ASN A 89 -3.16 -5.32 -4.65
CA ASN A 89 -2.60 -5.86 -5.81
C ASN A 89 -1.72 -7.09 -5.56
N ALA A 90 -0.98 -7.13 -4.46
CA ALA A 90 -0.13 -8.28 -4.22
C ALA A 90 -0.98 -9.51 -3.93
N ALA A 91 -2.12 -9.36 -3.28
CA ALA A 91 -2.99 -10.51 -3.00
C ALA A 91 -3.69 -11.05 -4.23
N VAL A 92 -4.25 -10.14 -5.04
CA VAL A 92 -4.85 -10.50 -6.27
C VAL A 92 -3.80 -11.23 -7.17
N GLY A 93 -2.62 -10.64 -7.28
CA GLY A 93 -1.60 -11.21 -8.08
C GLY A 93 -1.11 -12.58 -7.64
N PHE A 94 -0.94 -12.80 -6.36
CA PHE A 94 -0.65 -14.14 -5.87
C PHE A 94 -1.61 -15.16 -6.50
N TRP A 95 -2.90 -14.89 -6.46
CA TRP A 95 -3.90 -15.83 -6.97
C TRP A 95 -3.81 -15.99 -8.48
N ASN A 96 -3.65 -14.91 -9.22
CA ASN A 96 -3.47 -15.00 -10.66
C ASN A 96 -2.26 -15.91 -11.03
N VAL A 97 -1.22 -15.86 -10.20
CA VAL A 97 -0.04 -16.65 -10.46
C VAL A 97 -0.36 -18.13 -10.25
N LEU A 98 -1.04 -18.50 -9.17
CA LEU A 98 -1.19 -19.92 -8.83
C LEU A 98 -2.58 -20.46 -8.93
N GLY A 99 -3.56 -19.59 -9.10
CA GLY A 99 -4.96 -20.03 -9.16
C GLY A 99 -5.15 -21.19 -10.12
N TYR A 100 -4.61 -21.08 -11.34
CA TYR A 100 -4.84 -22.12 -12.38
C TYR A 100 -4.38 -23.54 -12.01
N ALA A 101 -3.52 -23.66 -11.03
CA ALA A 101 -2.81 -24.87 -10.73
C ALA A 101 -3.40 -25.47 -9.48
N THR A 102 -4.41 -24.81 -8.94
CA THR A 102 -4.94 -25.16 -7.64
C THR A 102 -6.05 -26.17 -7.83
N GLN A 103 -5.97 -27.33 -7.18
CA GLN A 103 -7.06 -28.31 -7.29
C GLN A 103 -8.31 -27.90 -6.54
N CYS A 104 -9.46 -28.19 -7.12
CA CYS A 104 -10.70 -27.94 -6.47
C CYS A 104 -11.78 -28.80 -7.04
N GLY A 105 -12.76 -29.10 -6.21
CA GLY A 105 -13.75 -30.11 -6.55
C GLY A 105 -14.65 -30.52 -5.40
N GLY A 106 -15.61 -31.37 -5.74
CA GLY A 106 -16.48 -31.99 -4.78
C GLY A 106 -17.84 -31.35 -4.79
N ASN A 107 -18.64 -31.68 -3.79
CA ASN A 107 -20.00 -31.22 -3.74
C ASN A 107 -20.21 -30.16 -2.65
N ALA A 108 -21.46 -29.70 -2.54
CA ALA A 108 -21.81 -28.58 -1.71
C ALA A 108 -21.61 -28.97 -0.26
N ASN A 109 -21.70 -30.24 0.07
CA ASN A 109 -21.44 -30.60 1.45
C ASN A 109 -19.94 -30.66 1.81
N GLY A 110 -19.05 -30.17 0.93
CA GLY A 110 -17.58 -30.26 1.12
C GLY A 110 -16.98 -31.66 0.91
N GLN A 111 -17.76 -32.65 0.46
CA GLN A 111 -17.28 -34.02 0.34
C GLN A 111 -16.92 -34.34 -1.13
N GLU A 112 -16.25 -35.47 -1.31
CA GLU A 112 -15.82 -36.06 -2.58
C GLU A 112 -17.00 -36.12 -3.50
N SER A 113 -16.83 -35.71 -4.76
CA SER A 113 -17.88 -35.90 -5.79
C SER A 113 -17.57 -37.09 -6.69
N THR A 114 -18.61 -37.71 -7.25
CA THR A 114 -18.38 -38.66 -8.30
C THR A 114 -18.16 -37.97 -9.64
N SER A 115 -19.01 -37.02 -9.99
CA SER A 115 -18.86 -36.44 -11.32
C SER A 115 -19.44 -35.06 -11.34
N SER A 116 -18.72 -34.17 -10.68
CA SER A 116 -19.14 -32.80 -10.56
C SER A 116 -18.09 -31.88 -11.18
N THR A 117 -18.57 -31.06 -12.11
CA THR A 117 -17.76 -30.08 -12.78
C THR A 117 -18.38 -28.74 -12.49
N THR A 118 -17.63 -27.89 -11.81
CA THR A 118 -18.16 -26.61 -11.33
C THR A 118 -17.22 -25.55 -11.83
N ILE A 119 -17.69 -24.66 -12.67
CA ILE A 119 -16.74 -23.78 -13.36
C ILE A 119 -17.01 -22.34 -12.94
N PHE A 120 -15.96 -21.62 -12.57
CA PHE A 120 -16.08 -20.22 -12.19
C PHE A 120 -15.54 -19.28 -13.23
N ASN A 121 -16.43 -18.39 -13.70
CA ASN A 121 -16.09 -17.42 -14.74
C ASN A 121 -15.33 -16.19 -14.24
N ASN A 122 -14.68 -15.55 -15.18
CA ASN A 122 -13.74 -14.47 -14.93
C ASN A 122 -12.86 -14.83 -13.78
N GLU A 123 -12.17 -15.97 -13.94
CA GLU A 123 -11.02 -16.38 -13.13
C GLU A 123 -9.88 -16.87 -14.02
N PRO A 124 -8.64 -16.71 -13.57
CA PRO A 124 -7.44 -16.95 -14.38
C PRO A 124 -7.01 -18.36 -14.42
N GLY A 125 -7.71 -19.13 -15.26
CA GLY A 125 -7.41 -20.55 -15.51
C GLY A 125 -6.38 -20.81 -16.58
N TYR A 126 -5.98 -22.08 -16.69
CA TYR A 126 -5.04 -22.55 -17.74
C TYR A 126 -5.63 -22.32 -19.11
N ARG A 127 -5.04 -21.36 -19.84
CA ARG A 127 -5.50 -20.92 -21.13
C ARG A 127 -6.98 -20.56 -21.10
N SER A 128 -7.46 -20.00 -20.02
CA SER A 128 -8.90 -19.84 -19.88
C SER A 128 -9.19 -18.65 -19.03
N THR A 129 -10.35 -18.06 -19.31
CA THR A 129 -10.91 -17.01 -18.48
C THR A 129 -11.86 -17.58 -17.44
N SER A 130 -11.95 -18.91 -17.36
CA SER A 130 -12.54 -19.57 -16.19
C SER A 130 -11.62 -20.57 -15.50
N ILE A 131 -12.01 -20.94 -14.29
CA ILE A 131 -11.32 -22.01 -13.55
C ILE A 131 -12.33 -23.12 -13.32
N THR A 132 -11.89 -24.36 -13.58
CA THR A 132 -12.72 -25.56 -13.57
C THR A 132 -12.36 -26.36 -12.38
N CYS A 133 -13.36 -26.69 -11.63
CA CYS A 133 -13.15 -27.38 -10.41
C CYS A 133 -13.86 -28.67 -10.71
N SER A 134 -13.06 -29.67 -11.10
CA SER A 134 -13.66 -30.94 -11.43
C SER A 134 -12.84 -32.13 -10.92
N LEU A 135 -12.15 -31.96 -9.81
CA LEU A 135 -11.36 -33.04 -9.27
C LEU A 135 -12.31 -33.90 -8.44
N ASN A 136 -12.64 -35.06 -8.98
CA ASN A 136 -13.62 -35.94 -8.38
C ASN A 136 -12.92 -36.95 -7.50
N ARG A 137 -13.69 -37.67 -6.68
CA ARG A 137 -13.21 -38.85 -5.89
C ARG A 137 -12.27 -38.49 -4.75
N TYR A 138 -11.35 -37.56 -4.94
CA TYR A 138 -10.52 -37.06 -3.85
C TYR A 138 -11.31 -36.14 -2.92
N LYS A 139 -10.93 -36.16 -1.65
CA LYS A 139 -11.67 -35.52 -0.58
C LYS A 139 -11.15 -34.12 -0.35
N PRO A 140 -12.00 -33.12 -0.55
CA PRO A 140 -11.61 -31.74 -0.28
C PRO A 140 -11.09 -31.58 1.13
N GLY A 141 -10.11 -30.70 1.28
CA GLY A 141 -9.44 -30.50 2.56
C GLY A 141 -7.97 -30.16 2.35
N TYR A 142 -7.28 -30.07 3.48
CA TYR A 142 -5.89 -29.68 3.53
C TYR A 142 -4.99 -30.62 2.70
N TYR A 143 -4.24 -30.05 1.76
CA TYR A 143 -3.36 -30.83 0.89
C TYR A 143 -4.20 -31.74 0.05
N GLY A 144 -5.43 -31.33 -0.17
CA GLY A 144 -6.31 -31.86 -1.20
C GLY A 144 -6.99 -30.75 -1.99
N PRO A 145 -7.98 -31.10 -2.80
CA PRO A 145 -8.75 -30.12 -3.54
C PRO A 145 -9.46 -29.14 -2.63
N MET A 146 -9.47 -27.87 -2.98
CA MET A 146 -10.26 -26.92 -2.24
C MET A 146 -11.75 -27.23 -2.43
N SER A 147 -12.50 -27.19 -1.35
CA SER A 147 -13.93 -27.39 -1.43
C SER A 147 -14.56 -26.26 -2.21
N ILE A 148 -15.76 -26.50 -2.72
CA ILE A 148 -16.44 -25.50 -3.47
C ILE A 148 -16.86 -24.33 -2.56
N GLU A 149 -17.20 -24.63 -1.32
CA GLU A 149 -17.64 -23.62 -0.37
C GLU A 149 -16.50 -22.59 -0.22
N ASN A 150 -15.29 -23.13 -0.06
CA ASN A 150 -14.15 -22.29 0.07
C ASN A 150 -13.85 -21.58 -1.25
N PHE A 151 -13.95 -22.27 -2.38
CA PHE A 151 -13.70 -21.56 -3.63
C PHE A 151 -14.70 -20.41 -3.85
N LYS A 152 -15.98 -20.60 -3.50
CA LYS A 152 -16.97 -19.53 -3.60
C LYS A 152 -16.55 -18.29 -2.80
N LYS A 153 -16.04 -18.48 -1.58
CA LYS A 153 -15.60 -17.36 -0.77
C LYS A 153 -14.43 -16.70 -1.50
N LEU A 154 -13.48 -17.49 -1.96
CA LEU A 154 -12.33 -16.93 -2.59
C LEU A 154 -12.76 -16.18 -3.82
N ASN A 155 -13.61 -16.81 -4.63
CA ASN A 155 -14.07 -16.19 -5.89
C ASN A 155 -14.80 -14.85 -5.70
N GLU A 156 -15.79 -14.79 -4.81
CA GLU A 156 -16.49 -13.56 -4.51
C GLU A 156 -15.50 -12.44 -4.18
N ALA A 157 -14.60 -12.71 -3.27
CA ALA A 157 -13.57 -11.72 -2.96
C ALA A 157 -12.76 -11.27 -4.19
N TYR A 158 -12.36 -12.21 -5.04
CA TYR A 158 -11.53 -11.89 -6.20
C TYR A 158 -12.33 -11.06 -7.16
N GLN A 159 -13.63 -11.35 -7.32
CA GLN A 159 -14.44 -10.55 -8.25
C GLN A 159 -14.67 -9.14 -7.75
N ILE A 160 -14.83 -9.00 -6.45
CA ILE A 160 -15.04 -7.70 -5.91
C ILE A 160 -13.75 -6.93 -6.05
N LEU A 161 -12.62 -7.50 -5.70
CA LEU A 161 -11.38 -6.74 -5.86
C LEU A 161 -11.11 -6.36 -7.29
N GLN A 162 -11.33 -7.29 -8.21
CA GLN A 162 -11.00 -7.01 -9.60
C GLN A 162 -11.90 -5.96 -10.20
N THR A 163 -13.18 -5.99 -9.86
CA THR A 163 -14.09 -4.94 -10.32
C THR A 163 -13.59 -3.60 -9.75
N ALA A 164 -13.06 -3.62 -8.54
CA ALA A 164 -12.73 -2.37 -7.92
C ALA A 164 -11.50 -1.79 -8.58
N LEU A 165 -10.50 -2.64 -8.77
CA LEU A 165 -9.25 -2.25 -9.38
C LEU A 165 -9.50 -1.74 -10.80
N ASN A 166 -10.44 -2.34 -11.52
CA ASN A 166 -10.78 -1.88 -12.84
C ASN A 166 -11.35 -0.46 -12.86
N LYS A 167 -12.11 -0.11 -11.84
CA LYS A 167 -12.86 1.14 -11.77
C LYS A 167 -11.98 2.24 -11.13
N GLY A 168 -11.01 1.86 -10.31
CA GLY A 168 -10.10 2.82 -9.69
C GLY A 168 -10.48 2.88 -8.25
N LEU A 169 -9.52 2.74 -7.37
CA LEU A 169 -9.77 2.85 -5.94
C LEU A 169 -9.99 4.28 -5.56
N PRO A 170 -10.91 4.52 -4.65
CA PRO A 170 -11.09 5.92 -4.29
C PRO A 170 -10.05 6.33 -3.28
N ALA A 171 -9.94 7.63 -3.08
CA ALA A 171 -9.14 8.17 -2.01
C ALA A 171 -9.45 7.61 -0.60
N LEU A 172 -8.51 7.67 0.33
CA LEU A 172 -8.75 7.03 1.60
C LEU A 172 -9.88 7.67 2.42
N LYS A 173 -10.16 8.94 2.19
CA LYS A 173 -11.14 9.65 3.01
C LYS A 173 -12.52 9.27 2.54
N GLU A 174 -12.63 8.86 1.28
CA GLU A 174 -13.92 8.57 0.67
C GLU A 174 -14.27 7.18 1.05
N ASN A 175 -15.14 7.02 2.03
CA ASN A 175 -15.60 5.70 2.37
C ASN A 175 -17.17 5.44 2.48
N ASN A 176 -17.99 6.11 1.68
CA ASN A 176 -19.34 5.61 1.45
C ASN A 176 -19.58 5.35 -0.01
N GLY A 177 -18.52 5.22 -0.80
CA GLY A 177 -18.65 4.76 -2.16
C GLY A 177 -19.11 3.29 -2.26
N THR A 178 -19.72 2.97 -3.39
CA THR A 178 -20.15 1.63 -3.67
C THR A 178 -19.95 1.28 -5.13
N ILE A 179 -19.91 -0.03 -5.39
CA ILE A 179 -19.84 -0.55 -6.73
C ILE A 179 -20.79 -1.68 -6.91
N ASN A 180 -21.09 -1.96 -8.17
CA ASN A 180 -21.80 -3.13 -8.53
C ASN A 180 -20.90 -4.22 -9.05
N VAL A 181 -21.13 -5.43 -8.57
CA VAL A 181 -20.30 -6.54 -8.94
C VAL A 181 -21.21 -7.61 -9.39
N GLU A 182 -20.84 -8.28 -10.47
CA GLU A 182 -21.69 -9.34 -11.03
C GLU A 182 -20.83 -10.53 -11.54
N TYR A 183 -21.13 -11.74 -11.12
CA TYR A 183 -20.30 -12.84 -11.53
C TYR A 183 -21.12 -14.11 -11.69
N THR A 184 -20.58 -15.06 -12.45
CA THR A 184 -21.38 -16.24 -12.76
C THR A 184 -20.56 -17.46 -12.55
N TYR A 185 -21.26 -18.55 -12.31
CA TYR A 185 -20.58 -19.87 -12.34
C TYR A 185 -21.55 -20.95 -12.82
N THR A 186 -21.05 -22.12 -13.18
CA THR A 186 -21.87 -23.20 -13.72
C THR A 186 -21.60 -24.50 -13.03
N CYS A 187 -22.57 -25.41 -13.04
CA CYS A 187 -22.46 -26.73 -12.48
C CYS A 187 -22.92 -27.71 -13.50
N SER A 188 -22.13 -28.74 -13.77
CA SER A 188 -22.63 -29.85 -14.59
C SER A 188 -22.19 -31.17 -14.02
N GLY A 189 -22.74 -32.28 -14.54
CA GLY A 189 -22.42 -33.62 -14.03
C GLY A 189 -23.52 -34.12 -13.13
N GLY A 190 -23.83 -35.41 -13.18
CA GLY A 190 -24.80 -35.97 -12.27
C GLY A 190 -24.29 -35.93 -10.84
N GLY A 191 -25.16 -35.57 -9.91
CA GLY A 191 -24.76 -35.60 -8.49
C GLY A 191 -24.25 -34.25 -8.02
N ASN A 192 -24.16 -33.28 -8.95
CA ASN A 192 -23.55 -32.02 -8.62
C ASN A 192 -24.52 -31.07 -7.95
N THR A 193 -24.28 -30.79 -6.68
CA THR A 193 -25.21 -30.07 -5.86
C THR A 193 -24.84 -28.61 -5.63
N ASN A 194 -23.82 -28.12 -6.31
CA ASN A 194 -23.26 -26.83 -6.01
C ASN A 194 -24.06 -25.64 -6.54
N CYS A 195 -25.09 -25.90 -7.34
CA CYS A 195 -26.04 -24.90 -7.81
C CYS A 195 -27.50 -25.21 -7.43
N ASP A 196 -27.71 -26.03 -6.42
CA ASP A 196 -29.06 -26.34 -6.03
C ASP A 196 -29.73 -25.04 -5.59
N PRO A 197 -30.98 -24.83 -5.99
CA PRO A 197 -31.69 -23.67 -5.53
C PRO A 197 -31.69 -23.47 -4.01
N SER A 198 -31.78 -24.53 -3.20
CA SER A 198 -31.94 -24.28 -1.76
C SER A 198 -30.71 -23.60 -1.19
N LEU A 199 -29.57 -23.74 -1.83
CA LEU A 199 -28.40 -22.99 -1.35
C LEU A 199 -28.67 -21.53 -1.33
N PHE A 200 -29.47 -21.03 -2.27
CA PHE A 200 -29.61 -19.60 -2.36
C PHE A 200 -30.93 -19.08 -1.87
N GLY A 201 -31.82 -19.94 -1.39
CA GLY A 201 -33.15 -19.53 -1.00
C GLY A 201 -34.20 -19.56 -2.11
N ILE A 202 -33.88 -20.16 -3.24
CA ILE A 202 -34.81 -20.21 -4.33
C ILE A 202 -35.71 -21.41 -4.13
N GLY A 203 -36.99 -21.23 -4.42
CA GLY A 203 -37.97 -22.31 -4.52
C GLY A 203 -37.40 -23.64 -4.97
N GLY A 204 -37.95 -24.70 -4.36
CA GLY A 204 -37.47 -26.06 -4.50
C GLY A 204 -37.21 -26.37 -5.94
N ASP A 205 -38.08 -25.90 -6.83
CA ASP A 205 -37.71 -25.87 -8.23
C ASP A 205 -38.66 -24.98 -9.00
N GLY A 206 -38.10 -23.89 -9.57
CA GLY A 206 -36.92 -23.18 -9.04
C GLY A 206 -35.69 -22.92 -9.90
N ARG A 207 -34.97 -23.98 -10.24
CA ARG A 207 -33.60 -23.88 -10.74
C ARG A 207 -33.51 -23.33 -12.15
N ASN A 208 -34.62 -23.44 -12.85
CA ASN A 208 -34.71 -22.88 -14.18
C ASN A 208 -35.58 -21.67 -14.23
N GLY A 209 -34.98 -20.50 -14.03
CA GLY A 209 -35.65 -19.19 -14.13
C GLY A 209 -35.85 -18.51 -12.79
N GLY A 210 -35.57 -19.24 -11.71
CA GLY A 210 -35.81 -18.73 -10.36
C GLY A 210 -34.80 -17.70 -9.94
N SER A 211 -35.23 -16.81 -9.05
CA SER A 211 -34.43 -15.64 -8.69
C SER A 211 -34.78 -15.21 -7.26
N VAL A 212 -33.80 -14.69 -6.53
CA VAL A 212 -34.03 -14.27 -5.17
C VAL A 212 -33.24 -12.97 -4.91
N THR A 213 -33.86 -11.99 -4.25
CA THR A 213 -33.19 -10.75 -3.88
C THR A 213 -33.32 -10.58 -2.37
N LYS A 214 -32.21 -10.27 -1.74
CA LYS A 214 -31.93 -10.55 -0.34
C LYS A 214 -30.84 -9.55 0.12
N THR A 215 -30.86 -9.00 1.33
CA THR A 215 -29.65 -8.30 1.77
C THR A 215 -28.57 -9.29 2.22
N GLN A 216 -27.37 -8.74 2.30
CA GLN A 216 -26.18 -9.48 2.65
C GLN A 216 -25.38 -8.38 3.28
N THR A 217 -24.78 -8.70 4.41
CA THR A 217 -23.91 -7.77 5.09
C THR A 217 -22.48 -8.00 4.57
N ILE A 218 -21.86 -6.91 4.11
CA ILE A 218 -20.41 -6.90 3.77
C ILE A 218 -19.73 -5.70 4.43
N ASP A 219 -18.73 -5.96 5.27
CA ASP A 219 -18.06 -4.94 6.13
C ASP A 219 -19.05 -3.98 6.84
N GLY A 220 -20.04 -4.59 7.54
CA GLY A 220 -21.10 -3.87 8.25
C GLY A 220 -22.06 -3.04 7.40
N LYS A 221 -21.93 -3.04 6.07
CA LYS A 221 -22.86 -2.29 5.22
C LYS A 221 -23.85 -3.25 4.56
N GLN A 222 -25.04 -2.73 4.23
CA GLN A 222 -26.16 -3.52 3.65
C GLN A 222 -26.12 -3.50 2.12
N VAL A 223 -25.86 -4.67 1.57
CA VAL A 223 -25.78 -4.83 0.15
C VAL A 223 -26.99 -5.57 -0.38
N ASN A 224 -27.60 -5.07 -1.45
CA ASN A 224 -28.62 -5.83 -2.17
C ASN A 224 -28.08 -6.84 -3.14
N THR A 225 -28.51 -8.07 -3.02
CA THR A 225 -27.90 -9.17 -3.74
C THR A 225 -28.96 -9.94 -4.47
N THR A 226 -28.76 -10.15 -5.77
CA THR A 226 -29.73 -10.87 -6.55
C THR A 226 -29.06 -12.11 -7.09
N ILE A 227 -29.62 -13.25 -6.77
CA ILE A 227 -29.07 -14.49 -7.26
C ILE A 227 -30.09 -15.17 -8.14
N SER A 228 -29.66 -15.51 -9.35
CA SER A 228 -30.57 -16.16 -10.35
C SER A 228 -29.98 -17.42 -10.95
N SER A 229 -30.88 -18.28 -11.37
CA SER A 229 -30.52 -19.58 -11.90
C SER A 229 -31.20 -19.80 -13.26
N LYS A 230 -30.49 -20.45 -14.17
CA LYS A 230 -31.13 -20.97 -15.35
C LYS A 230 -30.56 -22.36 -15.63
N VAL A 231 -31.31 -23.21 -16.34
CA VAL A 231 -30.76 -24.43 -16.91
C VAL A 231 -30.52 -24.21 -18.38
N VAL A 232 -29.36 -24.59 -18.86
CA VAL A 232 -29.07 -24.50 -20.28
C VAL A 232 -28.90 -25.91 -20.82
N GLN A 233 -29.57 -26.21 -21.92
CA GLN A 233 -29.43 -27.52 -22.59
C GLN A 233 -28.83 -27.27 -23.96
N PRO A 234 -27.50 -27.26 -24.08
CA PRO A 234 -27.00 -26.98 -25.40
C PRO A 234 -27.38 -28.16 -26.29
N PRO A 235 -27.43 -27.93 -27.62
CA PRO A 235 -28.06 -28.95 -28.47
C PRO A 235 -27.30 -30.28 -28.48
N HIS A 236 -25.96 -30.23 -28.54
CA HIS A 236 -25.15 -31.45 -28.76
C HIS A 236 -24.20 -31.85 -27.60
N SER A 237 -24.54 -31.46 -26.36
CA SER A 237 -23.74 -31.86 -25.17
C SER A 237 -24.48 -31.68 -23.81
N ALA A 238 -23.78 -31.90 -22.71
CA ALA A 238 -24.43 -31.98 -21.39
C ALA A 238 -25.08 -30.69 -20.90
N ALA A 239 -26.26 -30.86 -20.30
CA ALA A 239 -26.94 -29.78 -19.56
C ALA A 239 -26.06 -29.24 -18.44
N TYR A 240 -26.17 -27.93 -18.21
CA TYR A 240 -25.64 -27.27 -17.03
C TYR A 240 -26.55 -26.20 -16.45
N THR A 241 -26.35 -25.96 -15.15
CA THR A 241 -26.99 -24.88 -14.45
C THR A 241 -26.05 -23.66 -14.37
N GLU A 242 -26.60 -22.45 -14.65
CA GLU A 242 -25.84 -21.23 -14.46
C GLU A 242 -26.41 -20.36 -13.32
N ILE A 243 -25.54 -20.01 -12.37
CA ILE A 243 -25.91 -19.10 -11.31
C ILE A 243 -25.32 -17.75 -11.59
N THR A 244 -26.14 -16.73 -11.45
CA THR A 244 -25.69 -15.36 -11.57
C THR A 244 -25.83 -14.65 -10.21
N ASN A 245 -24.73 -14.10 -9.69
CA ASN A 245 -24.75 -13.21 -8.53
C ASN A 245 -24.60 -11.76 -8.84
N ALA A 246 -25.58 -10.95 -8.48
CA ALA A 246 -25.48 -9.51 -8.68
C ALA A 246 -25.43 -8.83 -7.35
N LEU A 247 -24.29 -8.25 -7.04
CA LEU A 247 -24.13 -7.49 -5.83
C LEU A 247 -24.22 -6.00 -6.11
N ASN A 248 -25.22 -5.37 -5.54
CA ASN A 248 -25.52 -4.01 -5.88
C ASN A 248 -25.28 -3.15 -4.62
N GLY A 249 -24.27 -2.29 -4.67
CA GLY A 249 -23.88 -1.50 -3.51
C GLY A 249 -22.76 -2.11 -2.66
N VAL A 250 -21.84 -2.88 -3.23
CA VAL A 250 -20.70 -3.38 -2.47
C VAL A 250 -19.84 -2.14 -2.11
N PRO A 251 -19.30 -2.02 -0.87
CA PRO A 251 -18.48 -0.84 -0.53
C PRO A 251 -17.12 -0.93 -1.13
N ASP A 252 -16.58 0.16 -1.70
CA ASP A 252 -15.24 0.21 -2.29
C ASP A 252 -14.19 0.99 -1.49
N SER A 253 -14.50 1.21 -0.22
CA SER A 253 -13.60 1.94 0.66
C SER A 253 -12.34 1.10 0.90
N ALA A 254 -11.24 1.76 1.23
CA ALA A 254 -10.02 1.10 1.54
C ALA A 254 -10.18 0.02 2.61
N GLN A 255 -10.93 0.33 3.63
CA GLN A 255 -11.07 -0.57 4.72
C GLN A 255 -11.78 -1.83 4.21
N ALA A 256 -12.80 -1.64 3.39
CA ALA A 256 -13.65 -2.76 2.98
C ALA A 256 -12.93 -3.66 1.97
N LEU A 257 -12.24 -3.01 1.03
CA LEU A 257 -11.41 -3.76 0.09
C LEU A 257 -10.23 -4.49 0.72
N LEU A 258 -9.67 -3.97 1.80
CA LEU A 258 -8.56 -4.70 2.38
C LEU A 258 -9.15 -5.88 3.14
N ALA A 259 -10.38 -5.77 3.60
CA ALA A 259 -11.00 -6.97 4.20
C ALA A 259 -11.24 -8.07 3.18
N GLN A 260 -11.50 -7.69 1.94
CA GLN A 260 -11.66 -8.67 0.87
C GLN A 260 -10.35 -9.27 0.51
N ALA A 261 -9.30 -8.46 0.47
CA ALA A 261 -7.97 -9.06 0.16
C ALA A 261 -7.50 -10.03 1.24
N SER A 262 -7.84 -9.72 2.47
CA SER A 262 -7.57 -10.57 3.60
C SER A 262 -8.36 -11.88 3.47
N THR A 263 -9.61 -11.78 3.03
CA THR A 263 -10.45 -12.95 2.89
C THR A 263 -9.83 -13.81 1.80
N LEU A 264 -9.43 -13.18 0.70
CA LEU A 264 -8.73 -13.94 -0.39
C LEU A 264 -7.52 -14.70 0.10
N ILE A 265 -6.60 -14.03 0.76
CA ILE A 265 -5.33 -14.68 1.03
C ILE A 265 -5.46 -15.61 2.19
N ASN A 266 -6.29 -15.29 3.17
CA ASN A 266 -6.56 -16.27 4.22
C ASN A 266 -7.35 -17.51 3.86
N THR A 267 -8.26 -17.39 2.87
CA THR A 267 -9.02 -18.53 2.43
C THR A 267 -8.04 -19.53 1.79
N ILE A 268 -7.12 -18.99 1.01
CA ILE A 268 -6.07 -19.78 0.39
C ILE A 268 -5.20 -20.42 1.44
N ASN A 269 -4.83 -19.67 2.44
CA ASN A 269 -3.86 -20.19 3.39
C ASN A 269 -4.46 -21.23 4.30
N THR A 270 -5.68 -20.99 4.72
CA THR A 270 -6.42 -21.89 5.60
C THR A 270 -6.94 -23.19 4.89
N ALA A 271 -7.44 -23.08 3.67
CA ALA A 271 -7.85 -24.29 2.98
C ALA A 271 -6.63 -25.06 2.51
N CYS A 272 -5.53 -24.34 2.26
CA CYS A 272 -4.25 -24.93 1.99
C CYS A 272 -4.35 -26.11 1.07
N PRO A 273 -4.90 -25.92 -0.13
CA PRO A 273 -5.08 -27.01 -1.07
C PRO A 273 -3.82 -27.46 -1.85
N TYR A 274 -3.95 -28.62 -2.49
CA TYR A 274 -2.95 -29.18 -3.38
C TYR A 274 -2.88 -28.36 -4.64
N PHE A 275 -1.66 -28.13 -5.14
CA PHE A 275 -1.44 -27.47 -6.43
C PHE A 275 -0.43 -28.22 -7.30
N SER A 276 -0.63 -28.17 -8.61
CA SER A 276 0.32 -28.73 -9.61
C SER A 276 0.49 -27.70 -10.71
N VAL A 277 1.72 -27.15 -10.82
CA VAL A 277 1.96 -26.02 -11.75
C VAL A 277 2.43 -26.57 -13.06
N THR A 278 2.31 -25.76 -14.11
CA THR A 278 2.82 -26.09 -15.45
C THR A 278 3.81 -24.99 -15.88
N ASN A 279 5.09 -25.33 -15.90
CA ASN A 279 6.12 -24.43 -16.42
C ASN A 279 6.19 -24.40 -17.93
N LYS A 280 6.58 -23.24 -18.42
CA LYS A 280 6.86 -22.99 -19.82
C LYS A 280 8.32 -23.29 -19.82
N SER A 281 8.78 -24.00 -20.82
CA SER A 281 10.21 -24.20 -20.98
C SER A 281 10.82 -22.83 -21.23
N GLY A 282 11.96 -22.54 -20.59
CA GLY A 282 12.59 -21.23 -20.73
C GLY A 282 11.89 -20.11 -19.97
N GLY A 283 12.69 -19.15 -19.50
CA GLY A 283 12.18 -18.09 -18.64
C GLY A 283 12.22 -18.60 -17.22
N PRO A 284 11.86 -17.73 -16.26
CA PRO A 284 11.89 -18.15 -14.85
C PRO A 284 10.88 -19.29 -14.54
N GLN A 285 11.26 -20.13 -13.57
CA GLN A 285 10.56 -21.40 -13.30
C GLN A 285 10.13 -21.40 -11.86
N MET A 286 9.08 -22.17 -11.56
CA MET A 286 8.52 -22.24 -10.22
C MET A 286 8.97 -23.53 -9.56
N GLU A 287 9.61 -23.41 -8.39
CA GLU A 287 9.81 -24.56 -7.51
C GLU A 287 9.10 -24.44 -6.14
N PRO A 288 8.65 -25.58 -5.59
CA PRO A 288 8.58 -26.90 -6.24
C PRO A 288 7.39 -26.91 -7.19
N THR A 289 7.24 -27.96 -7.98
CA THR A 289 6.19 -27.99 -9.00
C THR A 289 4.82 -28.42 -8.45
N ARG A 290 4.80 -28.86 -7.20
CA ARG A 290 3.61 -29.41 -6.62
C ARG A 290 3.68 -29.42 -5.11
N GLY A 291 2.53 -29.46 -4.48
CA GLY A 291 2.47 -29.47 -3.04
C GLY A 291 1.21 -28.81 -2.55
N LYS A 292 1.33 -27.97 -1.56
CA LYS A 292 0.20 -27.39 -0.88
C LYS A 292 0.43 -25.91 -0.81
N LEU A 293 -0.62 -25.13 -0.99
CA LEU A 293 -0.42 -23.73 -1.22
C LEU A 293 0.10 -23.01 -0.03
N CYS A 294 -0.22 -23.50 1.16
CA CYS A 294 0.23 -22.78 2.31
C CYS A 294 1.71 -22.97 2.47
N GLY A 295 2.30 -23.85 1.64
CA GLY A 295 3.76 -24.07 1.60
C GLY A 295 4.55 -22.85 1.18
N PHE A 296 3.91 -21.95 0.42
CA PHE A 296 4.46 -20.65 0.11
C PHE A 296 4.42 -19.72 1.30
N THR A 297 5.15 -20.03 2.36
CA THR A 297 4.96 -19.38 3.64
C THR A 297 5.44 -17.95 3.69
N GLU A 298 6.51 -17.63 2.96
CA GLU A 298 7.02 -16.25 2.99
C GLU A 298 6.09 -15.38 2.16
N GLU A 299 5.67 -15.90 1.02
CA GLU A 299 4.87 -15.12 0.10
C GLU A 299 3.57 -14.76 0.83
N ILE A 300 2.97 -15.75 1.48
CA ILE A 300 1.69 -15.53 2.15
C ILE A 300 1.87 -14.67 3.40
N SER A 301 2.88 -14.91 4.21
CA SER A 301 3.18 -14.04 5.34
C SER A 301 3.41 -12.59 4.97
N ALA A 302 4.18 -12.36 3.90
CA ALA A 302 4.43 -11.02 3.39
C ALA A 302 3.09 -10.35 2.99
N ILE A 303 2.24 -11.04 2.26
CA ILE A 303 0.97 -10.46 1.85
C ILE A 303 0.06 -10.22 3.03
N GLN A 304 0.05 -11.10 4.00
CA GLN A 304 -0.72 -10.85 5.22
C GLN A 304 -0.17 -9.67 6.00
N LYS A 305 1.15 -9.52 6.04
CA LYS A 305 1.76 -8.38 6.75
C LYS A 305 1.40 -7.07 6.06
N MET A 306 1.49 -7.07 4.75
CA MET A 306 1.15 -5.92 3.98
C MET A 306 -0.27 -5.50 4.24
N ILE A 307 -1.19 -6.45 4.34
CA ILE A 307 -2.57 -6.10 4.50
C ILE A 307 -2.78 -5.53 5.89
N THR A 308 -2.21 -6.23 6.88
CA THR A 308 -2.26 -5.76 8.26
C THR A 308 -1.73 -4.32 8.35
N ASP A 309 -0.60 -4.01 7.71
CA ASP A 309 0.00 -2.71 7.84
C ASP A 309 -0.87 -1.68 7.15
N ALA A 310 -1.32 -2.01 5.95
CA ALA A 310 -2.32 -1.17 5.28
C ALA A 310 -3.57 -0.87 6.10
N GLN A 311 -4.05 -1.86 6.83
CA GLN A 311 -5.25 -1.66 7.67
C GLN A 311 -4.97 -0.72 8.82
N GLU A 312 -3.79 -0.87 9.44
CA GLU A 312 -3.34 0.01 10.53
C GLU A 312 -3.23 1.44 10.01
N LEU A 313 -2.77 1.54 8.80
CA LEU A 313 -2.56 2.81 8.18
C LEU A 313 -3.88 3.44 7.84
N VAL A 314 -4.84 2.66 7.39
CA VAL A 314 -6.13 3.23 7.04
C VAL A 314 -6.89 3.65 8.31
N ASN A 315 -6.62 3.00 9.43
CA ASN A 315 -7.19 3.39 10.68
C ASN A 315 -6.73 4.73 11.23
N GLN A 316 -5.62 5.27 10.74
CA GLN A 316 -5.20 6.61 11.12
C GLN A 316 -6.10 7.67 10.50
N THR A 317 -6.85 7.32 9.47
CA THR A 317 -7.69 8.30 8.80
C THR A 317 -8.61 9.04 9.80
N SER A 318 -9.27 8.26 10.65
CA SER A 318 -10.22 8.81 11.63
C SER A 318 -9.55 9.74 12.64
N VAL A 319 -8.31 9.45 12.97
CA VAL A 319 -7.59 10.20 13.98
C VAL A 319 -7.30 11.57 13.39
N ILE A 320 -6.84 11.58 12.15
CA ILE A 320 -6.64 12.85 11.43
C ILE A 320 -7.90 13.69 11.29
N ASN A 321 -9.01 13.09 10.90
CA ASN A 321 -10.24 13.89 10.75
C ASN A 321 -10.78 14.48 12.04
N GLU A 322 -10.72 13.70 13.10
CA GLU A 322 -11.15 14.13 14.38
C GLU A 322 -10.35 15.34 14.87
N HIS A 323 -9.06 15.39 14.53
CA HIS A 323 -8.13 16.39 15.06
C HIS A 323 -7.73 17.36 13.99
N GLU A 324 -8.70 17.85 13.27
CA GLU A 324 -8.40 18.75 12.18
C GLU A 324 -7.90 20.08 12.78
N GLN A 325 -7.09 20.78 12.01
CA GLN A 325 -6.30 21.90 12.44
C GLN A 325 -6.67 23.20 11.71
N SER A 326 -7.87 23.27 11.18
CA SER A 326 -8.23 24.41 10.36
C SER A 326 -8.55 25.68 11.20
N THR A 327 -8.92 25.54 12.48
CA THR A 327 -9.14 26.73 13.35
C THR A 327 -7.85 27.48 13.69
N PRO A 328 -7.85 28.82 13.58
CA PRO A 328 -6.61 29.53 13.95
C PRO A 328 -6.49 29.79 15.49
N VAL A 329 -5.26 29.93 15.98
CA VAL A 329 -4.99 30.04 17.43
C VAL A 329 -4.27 31.33 17.78
N GLY A 330 -4.46 31.81 19.00
CA GLY A 330 -3.70 32.97 19.49
C GLY A 330 -3.95 33.18 20.98
N GLY A 331 -3.58 34.37 21.50
CA GLY A 331 -3.92 34.76 22.90
C GLY A 331 -5.43 34.93 23.00
N ASN A 332 -5.97 35.21 24.17
CA ASN A 332 -7.38 35.64 24.17
C ASN A 332 -7.50 37.04 24.80
N ASN A 333 -8.63 37.72 24.59
CA ASN A 333 -8.84 39.13 25.02
C ASN A 333 -7.78 40.11 24.49
N GLY A 334 -7.23 39.81 23.30
CA GLY A 334 -6.15 40.63 22.70
C GLY A 334 -4.83 40.66 23.48
N LYS A 335 -4.60 39.61 24.27
CA LYS A 335 -3.45 39.52 25.16
C LYS A 335 -2.39 38.71 24.42
N PRO A 336 -1.09 38.98 24.64
CA PRO A 336 -0.11 38.15 23.97
C PRO A 336 -0.31 36.67 24.19
N PHE A 337 0.05 35.88 23.19
CA PHE A 337 -0.08 34.44 23.29
C PHE A 337 0.82 33.90 24.42
N ASN A 338 0.24 33.08 25.30
CA ASN A 338 0.96 32.50 26.39
C ASN A 338 1.05 31.01 26.15
N PRO A 339 2.24 30.51 25.82
CA PRO A 339 2.42 29.08 25.49
C PRO A 339 2.18 28.12 26.65
N PHE A 340 2.12 28.65 27.85
CA PHE A 340 1.85 27.83 29.04
C PHE A 340 0.39 27.68 29.43
N THR A 341 -0.50 28.54 28.91
CA THR A 341 -1.97 28.54 29.25
C THR A 341 -2.93 28.46 28.07
N ASP A 342 -2.55 29.00 26.91
CA ASP A 342 -3.41 29.15 25.75
C ASP A 342 -3.28 28.02 24.75
N ALA A 343 -2.70 26.85 25.12
CA ALA A 343 -2.39 25.82 24.12
C ALA A 343 -3.03 24.49 24.29
N SER A 344 -4.27 24.51 24.76
CA SER A 344 -5.09 23.30 24.91
C SER A 344 -5.32 22.58 23.58
N PHE A 345 -5.16 23.30 22.46
CA PHE A 345 -5.17 22.66 21.12
C PHE A 345 -3.96 21.69 20.83
N ALA A 346 -2.86 21.86 21.56
CA ALA A 346 -1.65 21.09 21.28
C ALA A 346 -1.84 19.57 21.33
N GLN A 347 -2.62 19.03 22.25
CA GLN A 347 -2.76 17.58 22.28
C GLN A 347 -3.24 17.07 20.92
N GLY A 348 -4.25 17.75 20.39
CA GLY A 348 -4.84 17.40 19.09
C GLY A 348 -3.90 17.58 17.93
N MET A 349 -3.17 18.67 17.97
CA MET A 349 -2.24 18.95 16.93
C MET A 349 -1.19 17.87 16.92
N LEU A 350 -0.73 17.47 18.09
CA LEU A 350 0.25 16.36 18.22
C LEU A 350 -0.30 15.04 17.75
N ALA A 351 -1.52 14.71 18.15
CA ALA A 351 -2.14 13.47 17.65
C ALA A 351 -2.34 13.53 16.17
N ASN A 352 -2.70 14.66 15.60
CA ASN A 352 -2.87 14.70 14.09
C ASN A 352 -1.52 14.39 13.40
N ALA A 353 -0.52 15.19 13.70
CA ALA A 353 0.81 14.99 13.16
C ALA A 353 1.37 13.59 13.42
N SER A 354 1.22 13.04 14.63
CA SER A 354 1.75 11.69 14.87
C SER A 354 1.08 10.66 13.96
N ALA A 355 -0.19 10.91 13.67
CA ALA A 355 -0.97 10.00 12.92
C ALA A 355 -0.57 10.11 11.46
N GLN A 356 -0.34 11.30 10.95
CA GLN A 356 0.16 11.41 9.59
C GLN A 356 1.51 10.74 9.43
N ALA A 357 2.34 10.83 10.45
CA ALA A 357 3.66 10.26 10.29
C ALA A 357 3.56 8.75 10.39
N LYS A 358 2.62 8.26 11.14
CA LYS A 358 2.43 6.81 11.20
C LYS A 358 1.91 6.26 9.87
N MET A 359 1.01 6.99 9.23
CA MET A 359 0.57 6.64 7.89
C MET A 359 1.77 6.52 6.95
N LEU A 360 2.61 7.55 6.98
CA LEU A 360 3.67 7.60 6.04
C LEU A 360 4.61 6.42 6.24
N ASN A 361 4.89 6.04 7.48
CA ASN A 361 5.80 4.98 7.78
C ASN A 361 5.23 3.60 7.51
N LEU A 362 3.94 3.39 7.75
CA LEU A 362 3.34 2.11 7.39
C LEU A 362 3.27 1.93 5.86
N ALA A 363 3.05 3.04 5.16
CA ALA A 363 3.05 3.00 3.75
C ALA A 363 4.39 2.52 3.25
N HIS A 364 5.45 3.09 3.77
CA HIS A 364 6.80 2.72 3.33
C HIS A 364 7.05 1.26 3.71
N GLN A 365 6.52 0.84 4.86
CA GLN A 365 6.73 -0.51 5.36
C GLN A 365 6.04 -1.50 4.44
N VAL A 366 4.86 -1.15 3.94
CA VAL A 366 4.18 -2.02 3.01
C VAL A 366 5.05 -2.30 1.80
N GLY A 367 5.56 -1.24 1.23
CA GLY A 367 6.43 -1.37 0.11
C GLY A 367 7.67 -2.14 0.38
N GLN A 368 8.18 -2.10 1.59
CA GLN A 368 9.47 -2.76 1.85
C GLN A 368 9.35 -4.27 2.05
N THR A 369 8.17 -4.71 2.42
CA THR A 369 7.88 -6.11 2.61
C THR A 369 7.96 -6.87 1.27
N ILE A 370 7.57 -6.21 0.19
CA ILE A 370 7.46 -6.87 -1.12
C ILE A 370 8.49 -6.40 -2.11
N ASN A 371 9.26 -5.37 -1.81
CA ASN A 371 10.12 -4.82 -2.84
C ASN A 371 11.31 -5.74 -3.12
N PRO A 372 11.48 -6.13 -4.38
CA PRO A 372 12.48 -7.16 -4.71
C PRO A 372 13.93 -6.77 -4.54
N ASP A 373 14.23 -5.48 -4.39
CA ASP A 373 15.61 -5.05 -4.11
C ASP A 373 16.18 -5.61 -2.79
N ASN A 374 15.31 -5.94 -1.82
CA ASN A 374 15.75 -6.49 -0.52
C ASN A 374 15.32 -7.93 -0.22
N LEU A 375 14.90 -8.68 -1.24
CA LEU A 375 14.49 -10.09 -1.11
C LEU A 375 15.57 -11.02 -1.62
N THR A 376 15.46 -12.30 -1.23
CA THR A 376 16.41 -13.37 -1.61
C THR A 376 15.73 -14.70 -1.85
N GLY A 377 16.52 -15.63 -2.38
CA GLY A 377 16.10 -16.98 -2.65
C GLY A 377 14.83 -17.03 -3.47
N THR A 378 13.96 -17.92 -3.03
CA THR A 378 12.79 -18.35 -3.78
C THR A 378 11.69 -17.29 -3.73
N PHE A 379 11.73 -16.48 -2.69
CA PHE A 379 10.80 -15.37 -2.57
C PHE A 379 11.08 -14.29 -3.60
N LYS A 380 12.35 -13.94 -3.75
CA LYS A 380 12.70 -13.01 -4.77
C LYS A 380 12.22 -13.53 -6.10
N ASN A 381 12.55 -14.77 -6.44
CA ASN A 381 12.25 -15.20 -7.78
CA ASN A 381 12.19 -15.33 -7.75
C ASN A 381 10.71 -15.28 -7.97
N PHE A 382 9.95 -15.48 -6.91
CA PHE A 382 8.51 -15.40 -7.03
C PHE A 382 8.01 -13.97 -7.43
N VAL A 383 8.49 -12.97 -6.72
CA VAL A 383 8.15 -11.58 -7.03
C VAL A 383 8.69 -11.09 -8.39
N THR A 384 9.98 -11.20 -8.66
CA THR A 384 10.50 -10.64 -9.92
C THR A 384 10.08 -11.52 -11.10
N GLY A 385 10.06 -12.82 -10.87
CA GLY A 385 9.75 -13.77 -11.93
C GLY A 385 8.27 -13.89 -12.27
N PHE A 386 7.37 -13.68 -11.29
CA PHE A 386 5.94 -13.96 -11.52
C PHE A 386 5.00 -12.86 -11.09
N LEU A 387 5.05 -12.48 -9.83
CA LEU A 387 4.13 -11.51 -9.32
C LEU A 387 4.13 -10.15 -10.03
N ALA A 388 5.32 -9.66 -10.35
CA ALA A 388 5.54 -8.35 -10.96
C ALA A 388 5.78 -8.48 -12.45
N THR A 389 4.99 -9.33 -13.08
CA THR A 389 5.00 -9.49 -14.50
C THR A 389 3.53 -9.60 -14.83
N CYS A 390 3.24 -9.60 -16.12
CA CYS A 390 1.91 -9.87 -16.69
C CYS A 390 2.04 -10.38 -18.13
N ASN A 391 1.29 -11.45 -18.41
CA ASN A 391 1.27 -12.09 -19.74
C ASN A 391 0.04 -11.72 -20.62
N ASN A 392 -0.91 -10.91 -20.13
CA ASN A 392 -2.01 -10.40 -21.00
C ASN A 392 -1.45 -9.58 -22.19
N LYS A 393 -2.25 -9.34 -23.22
CA LYS A 393 -2.14 -8.10 -24.08
C LYS A 393 -3.02 -8.18 -25.32
N GLY A 403 -0.11 -2.37 -22.11
CA GLY A 403 -0.63 -2.77 -20.79
C GLY A 403 -2.16 -2.73 -20.74
N SER A 404 -2.81 -3.89 -20.54
CA SER A 404 -4.29 -3.94 -20.46
C SER A 404 -4.82 -3.37 -19.10
N PRO A 405 -6.09 -2.89 -19.02
CA PRO A 405 -6.43 -2.19 -17.78
C PRO A 405 -6.45 -3.08 -16.54
N PRO A 406 -6.34 -2.45 -15.38
CA PRO A 406 -6.37 -3.24 -14.14
C PRO A 406 -7.63 -4.09 -13.99
N GLY A 407 -7.51 -5.25 -13.35
CA GLY A 407 -8.64 -6.15 -13.18
C GLY A 407 -9.11 -6.93 -14.41
N THR A 408 -8.29 -6.99 -15.44
CA THR A 408 -8.67 -7.67 -16.64
C THR A 408 -8.25 -9.11 -16.52
N VAL A 409 -9.14 -10.07 -16.73
CA VAL A 409 -8.70 -11.44 -16.85
C VAL A 409 -8.73 -11.94 -18.27
N THR A 410 -7.61 -12.55 -18.74
CA THR A 410 -7.59 -13.14 -20.09
C THR A 410 -7.11 -14.57 -20.08
N THR A 411 -7.14 -15.18 -21.26
CA THR A 411 -6.68 -16.57 -21.34
C THR A 411 -5.18 -16.64 -21.01
N GLN A 412 -4.51 -15.50 -20.84
CA GLN A 412 -3.07 -15.54 -20.55
C GLN A 412 -2.71 -14.95 -19.21
N THR A 413 -3.71 -14.66 -18.42
CA THR A 413 -3.45 -14.14 -17.11
C THR A 413 -2.72 -15.13 -16.24
N PHE A 414 -3.02 -16.41 -16.37
CA PHE A 414 -2.43 -17.40 -15.44
C PHE A 414 -0.90 -17.41 -15.37
N ALA A 415 -0.38 -17.76 -14.20
CA ALA A 415 1.08 -17.82 -13.94
C ALA A 415 1.77 -16.49 -14.13
N SER A 416 1.03 -15.40 -13.97
CA SER A 416 1.59 -14.06 -13.82
C SER A 416 0.63 -13.22 -12.98
N GLY A 417 1.16 -12.12 -12.47
CA GLY A 417 0.49 -11.33 -11.45
C GLY A 417 -0.63 -10.52 -12.04
N CYS A 418 -0.35 -9.89 -13.18
CA CYS A 418 -1.31 -8.99 -13.82
C CYS A 418 -2.10 -8.19 -12.80
N ALA A 419 -1.36 -7.57 -11.89
CA ALA A 419 -1.91 -6.63 -10.99
C ALA A 419 -0.99 -5.38 -10.81
N TYR A 420 -0.16 -5.05 -11.80
CA TYR A 420 0.57 -3.80 -11.77
C TYR A 420 1.41 -3.68 -10.48
N VAL A 421 1.97 -4.78 -10.04
CA VAL A 421 2.79 -4.71 -8.87
C VAL A 421 4.08 -3.87 -9.11
N GLU A 422 4.73 -3.98 -10.25
CA GLU A 422 5.93 -3.19 -10.46
C GLU A 422 5.59 -1.70 -10.49
N GLN A 423 4.64 -1.32 -11.32
CA GLN A 423 4.24 0.08 -11.44
C GLN A 423 3.80 0.60 -10.08
N THR A 424 3.09 -0.22 -9.28
CA THR A 424 2.65 0.27 -7.98
C THR A 424 3.85 0.50 -7.04
N ILE A 425 4.83 -0.39 -6.99
CA ILE A 425 6.05 -0.11 -6.23
C ILE A 425 6.68 1.19 -6.71
N THR A 426 6.77 1.38 -8.02
CA THR A 426 7.43 2.55 -8.54
C THR A 426 6.68 3.80 -8.15
N ASN A 427 5.36 3.72 -8.12
CA ASN A 427 4.57 4.90 -7.85
C ASN A 427 4.53 5.24 -6.37
N LEU A 428 4.56 4.21 -5.53
CA LEU A 428 4.69 4.41 -4.10
C LEU A 428 5.95 5.12 -3.82
N ASN A 429 7.03 4.66 -4.42
CA ASN A 429 8.30 5.36 -4.31
C ASN A 429 8.32 6.80 -4.76
N ASN A 430 7.88 7.06 -5.98
CA ASN A 430 7.78 8.42 -6.51
C ASN A 430 6.98 9.30 -5.56
N SER A 431 5.83 8.82 -5.06
CA SER A 431 5.03 9.63 -4.13
C SER A 431 5.74 9.94 -2.84
N ILE A 432 6.45 8.94 -2.30
CA ILE A 432 7.25 9.17 -1.11
C ILE A 432 8.34 10.23 -1.32
N ALA A 433 9.00 10.19 -2.47
CA ALA A 433 10.00 11.22 -2.80
C ALA A 433 9.40 12.60 -2.95
N HIS A 434 8.16 12.66 -3.40
CA HIS A 434 7.49 13.94 -3.57
C HIS A 434 6.80 14.37 -2.30
N PHE A 435 6.96 13.60 -1.24
CA PHE A 435 6.44 13.93 0.07
C PHE A 435 7.57 14.43 0.97
N GLY A 436 8.68 14.84 0.41
CA GLY A 436 9.80 15.24 1.21
C GLY A 436 9.56 16.43 2.10
N THR A 437 9.01 17.51 1.54
CA THR A 437 8.77 18.71 2.32
C THR A 437 7.70 18.42 3.36
N GLN A 438 6.72 17.62 2.99
CA GLN A 438 5.56 17.48 3.88
C GLN A 438 5.96 16.67 5.06
N GLU A 439 6.86 15.75 4.82
CA GLU A 439 7.31 14.90 5.91
C GLU A 439 8.06 15.74 6.91
N GLN A 440 8.91 16.66 6.42
CA GLN A 440 9.56 17.62 7.33
C GLN A 440 8.57 18.51 8.06
N GLN A 441 7.56 18.97 7.36
CA GLN A 441 6.57 19.84 8.03
C GLN A 441 5.77 19.17 9.11
N ILE A 442 5.39 17.94 8.84
CA ILE A 442 4.79 17.09 9.84
C ILE A 442 5.71 16.92 11.04
N GLN A 443 6.99 16.67 10.82
CA GLN A 443 7.88 16.52 12.01
C GLN A 443 8.01 17.84 12.75
N GLN A 444 8.08 18.95 12.04
CA GLN A 444 8.14 20.21 12.77
C GLN A 444 6.84 20.44 13.54
N ALA A 445 5.71 20.12 12.94
CA ALA A 445 4.47 20.30 13.66
C ALA A 445 4.34 19.41 14.91
N GLU A 446 4.72 18.16 14.77
CA GLU A 446 4.76 17.25 15.92
C GLU A 446 5.66 17.87 17.02
N ASN A 447 6.78 18.48 16.63
CA ASN A 447 7.68 19.04 17.67
C ASN A 447 7.23 20.35 18.31
N ILE A 448 6.59 21.20 17.53
CA ILE A 448 6.02 22.39 18.08
C ILE A 448 4.95 21.95 19.10
N ALA A 449 4.11 20.99 18.74
CA ALA A 449 3.00 20.63 19.57
C ALA A 449 3.44 19.92 20.82
N ASP A 450 4.45 19.09 20.68
CA ASP A 450 5.05 18.41 21.85
C ASP A 450 5.63 19.40 22.82
N THR A 451 6.32 20.39 22.30
CA THR A 451 6.81 21.45 23.11
C THR A 451 5.68 22.20 23.89
N LEU A 452 4.56 22.49 23.23
CA LEU A 452 3.46 23.18 23.92
C LEU A 452 2.75 22.31 24.89
N VAL A 453 2.57 21.04 24.58
CA VAL A 453 1.99 20.13 25.56
C VAL A 453 2.86 20.05 26.82
N ASN A 454 4.17 20.06 26.66
CA ASN A 454 5.10 20.12 27.80
C ASN A 454 4.97 21.32 28.63
N PHE A 455 5.06 22.48 28.00
CA PHE A 455 4.77 23.73 28.67
C PHE A 455 3.38 23.67 29.35
N GLY A 456 2.40 23.20 28.60
CA GLY A 456 1.06 23.04 29.09
C GLY A 456 0.97 22.21 30.34
N SER A 457 1.67 21.07 30.44
CA SER A 457 1.56 20.24 31.68
C SER A 457 1.99 21.11 32.90
N HIS A 458 2.34 20.56 34.05
CA HIS A 458 2.75 21.45 35.22
C HIS A 458 1.53 22.06 35.99
N VAL B 2 21.95 0.94 9.08
CA VAL B 2 21.46 1.73 10.24
C VAL B 2 22.53 2.82 10.59
N GLN B 3 23.04 3.50 9.55
CA GLN B 3 24.17 4.47 9.68
C GLN B 3 24.30 5.40 8.46
N LEU B 4 24.70 6.64 8.71
CA LEU B 4 24.74 7.65 7.69
C LEU B 4 25.92 8.56 7.94
N GLN B 5 26.59 8.97 6.87
CA GLN B 5 27.85 9.74 7.02
C GLN B 5 28.17 10.58 5.81
N GLU B 6 28.15 11.88 6.01
CA GLU B 6 28.26 12.87 4.94
C GLU B 6 29.68 13.46 4.85
N SER B 7 30.11 13.82 3.66
CA SER B 7 31.37 14.55 3.57
C SER B 7 31.38 15.46 2.35
N GLY B 8 32.49 16.20 2.19
CA GLY B 8 32.74 17.00 0.99
C GLY B 8 32.31 18.46 1.12
N GLY B 9 31.88 18.85 2.31
CA GLY B 9 31.57 20.25 2.55
C GLY B 9 32.81 21.05 2.78
N GLY B 10 32.64 22.37 2.77
CA GLY B 10 33.75 23.28 3.00
C GLY B 10 33.34 24.71 2.69
N LEU B 11 34.28 25.64 2.78
CA LEU B 11 33.99 27.02 2.57
C LEU B 11 34.28 27.31 1.12
N VAL B 12 33.32 27.89 0.41
CA VAL B 12 33.54 28.39 -0.96
C VAL B 12 33.13 29.84 -1.20
N GLN B 13 33.43 30.30 -2.41
CA GLN B 13 33.17 31.63 -2.84
C GLN B 13 31.77 31.57 -3.45
N PRO B 14 31.00 32.67 -3.40
CA PRO B 14 29.76 32.70 -4.15
C PRO B 14 30.02 32.48 -5.61
N GLY B 15 29.10 31.76 -6.26
CA GLY B 15 29.29 31.25 -7.63
C GLY B 15 29.90 29.85 -7.60
N GLY B 16 30.45 29.50 -6.43
CA GLY B 16 31.28 28.33 -6.33
C GLY B 16 30.50 27.04 -6.40
N SER B 17 31.21 25.96 -6.21
CA SER B 17 30.53 24.75 -6.43
C SER B 17 31.15 23.63 -5.58
N LEU B 18 30.41 22.56 -5.34
CA LEU B 18 30.82 21.54 -4.35
C LEU B 18 30.14 20.24 -4.66
N ARG B 19 30.78 19.16 -4.26
CA ARG B 19 30.17 17.84 -4.41
C ARG B 19 30.14 17.17 -3.07
N LEU B 20 28.96 16.94 -2.51
CA LEU B 20 28.80 16.22 -1.25
C LEU B 20 28.55 14.71 -1.47
N SER B 21 28.96 13.92 -0.49
CA SER B 21 28.83 12.46 -0.56
C SER B 21 28.20 11.99 0.71
N CYS B 22 27.49 10.87 0.63
CA CYS B 22 26.89 10.25 1.77
C CYS B 22 27.02 8.78 1.63
N ALA B 23 27.71 8.19 2.58
CA ALA B 23 27.85 6.77 2.69
C ALA B 23 26.74 6.25 3.62
N ALA B 24 25.86 5.44 3.08
CA ALA B 24 24.78 4.88 3.85
C ALA B 24 24.89 3.37 3.94
N SER B 25 24.46 2.82 5.06
CA SER B 25 24.36 1.36 5.20
C SER B 25 23.33 0.83 4.20
N GLY B 26 23.48 -0.45 3.87
CA GLY B 26 22.60 -1.15 2.96
C GLY B 26 21.19 -1.25 3.47
N SER B 27 21.00 -1.51 4.77
CA SER B 27 19.64 -1.61 5.27
C SER B 27 18.89 -0.25 5.07
N ILE B 28 19.56 0.87 5.25
CA ILE B 28 18.95 2.16 4.96
C ILE B 28 18.69 2.42 3.50
N PHE B 29 19.62 2.03 2.65
CA PHE B 29 19.73 2.60 1.33
C PHE B 29 19.03 1.71 0.30
N SER B 30 19.26 0.42 0.38
CA SER B 30 18.80 -0.53 -0.60
C SER B 30 17.29 -0.54 -0.64
N GLY B 31 16.76 -0.18 -1.79
CA GLY B 31 15.35 -0.26 -2.06
C GLY B 31 14.59 0.94 -1.56
N ASN B 32 15.30 1.99 -1.15
CA ASN B 32 14.68 3.14 -0.53
C ASN B 32 14.99 4.40 -1.26
N VAL B 33 13.99 5.25 -1.33
CA VAL B 33 14.15 6.61 -1.75
C VAL B 33 15.16 7.19 -0.80
N MET B 34 16.12 7.96 -1.31
CA MET B 34 17.12 8.66 -0.47
C MET B 34 17.04 10.16 -0.74
N GLY B 35 17.63 10.98 0.09
CA GLY B 35 17.50 12.45 -0.10
C GLY B 35 18.47 13.27 0.73
N TRP B 36 18.54 14.55 0.38
CA TRP B 36 19.37 15.52 1.09
C TRP B 36 18.50 16.58 1.76
N TYR B 37 19.06 17.11 2.84
CA TYR B 37 18.44 18.06 3.70
C TYR B 37 19.49 19.07 4.18
N ARG B 38 19.03 20.18 4.73
CA ARG B 38 19.97 21.10 5.32
C ARG B 38 19.37 21.88 6.45
N GLN B 39 20.26 22.30 7.36
CA GLN B 39 19.86 23.11 8.47
C GLN B 39 20.64 24.46 8.58
N ALA B 40 19.96 25.52 8.19
CA ALA B 40 20.58 26.83 8.15
C ALA B 40 20.48 27.48 9.53
N PRO B 41 21.39 28.41 9.86
CA PRO B 41 21.31 29.05 11.17
C PRO B 41 19.97 29.72 11.34
N GLY B 42 19.39 29.56 12.52
CA GLY B 42 18.07 30.13 12.85
C GLY B 42 16.86 29.35 12.31
N LYS B 43 17.11 28.30 11.55
CA LYS B 43 16.02 27.57 10.95
C LYS B 43 16.06 26.09 11.27
N LEU B 44 14.92 25.46 11.06
CA LEU B 44 14.82 24.04 11.21
C LEU B 44 15.21 23.39 9.91
N ARG B 45 15.52 22.09 10.03
CA ARG B 45 15.96 21.24 8.92
C ARG B 45 14.96 21.40 7.81
N GLU B 46 15.46 21.41 6.58
CA GLU B 46 14.65 21.75 5.43
C GLU B 46 14.93 20.64 4.38
N TRP B 47 13.90 20.05 3.76
CA TRP B 47 14.17 19.10 2.65
C TRP B 47 14.67 19.84 1.39
N VAL B 48 15.63 19.25 0.72
CA VAL B 48 16.26 19.85 -0.45
C VAL B 48 16.10 19.01 -1.72
N ALA B 49 16.36 17.73 -1.63
CA ALA B 49 16.19 16.86 -2.80
C ALA B 49 16.00 15.41 -2.43
N ALA B 50 15.59 14.67 -3.45
CA ALA B 50 15.29 13.25 -3.31
C ALA B 50 15.40 12.52 -4.65
N ILE B 51 15.56 11.20 -4.56
CA ILE B 51 15.73 10.39 -5.71
C ILE B 51 15.32 8.96 -5.45
N THR B 52 14.56 8.39 -6.38
CA THR B 52 14.02 7.04 -6.24
C THR B 52 15.10 6.03 -6.54
N PRO B 53 14.94 4.79 -6.07
CA PRO B 53 15.85 3.72 -6.47
C PRO B 53 16.19 3.68 -7.98
N GLN B 54 15.19 3.85 -8.84
CA GLN B 54 15.43 3.88 -10.28
C GLN B 54 16.06 5.18 -10.78
N GLY B 55 16.42 6.07 -9.85
CA GLY B 55 17.24 7.24 -10.17
C GLY B 55 16.48 8.49 -10.58
N VAL B 56 15.18 8.54 -10.33
CA VAL B 56 14.38 9.71 -10.67
C VAL B 56 14.53 10.76 -9.55
N PRO B 57 15.04 11.95 -9.87
CA PRO B 57 15.28 12.99 -8.86
C PRO B 57 14.18 14.03 -8.82
N ASN B 58 14.00 14.66 -7.67
CA ASN B 58 13.12 15.85 -7.56
C ASN B 58 13.73 16.78 -6.50
N TYR B 59 13.44 18.07 -6.60
CA TYR B 59 14.15 19.09 -5.85
C TYR B 59 13.23 20.13 -5.25
N ALA B 60 13.65 20.74 -4.16
CA ALA B 60 12.91 21.91 -3.65
C ALA B 60 13.09 23.08 -4.63
N ASP B 61 12.06 23.92 -4.73
CA ASP B 61 12.14 25.10 -5.54
C ASP B 61 13.40 25.97 -5.31
N SER B 62 13.94 26.00 -4.10
CA SER B 62 15.09 26.86 -3.81
C SER B 62 16.41 26.43 -4.46
N VAL B 63 16.50 25.17 -4.85
CA VAL B 63 17.71 24.62 -5.47
C VAL B 63 17.48 24.10 -6.90
N LYS B 64 16.24 23.89 -7.30
CA LYS B 64 15.98 23.39 -8.64
C LYS B 64 16.87 24.08 -9.65
N GLY B 65 17.52 23.32 -10.53
CA GLY B 65 18.35 23.90 -11.60
C GLY B 65 19.77 24.28 -11.16
N ARG B 66 20.11 24.14 -9.89
CA ARG B 66 21.47 24.43 -9.44
C ARG B 66 22.15 23.21 -8.94
N PHE B 67 21.40 22.35 -8.27
CA PHE B 67 21.90 21.14 -7.63
C PHE B 67 21.38 19.93 -8.39
N THR B 68 22.11 18.82 -8.25
CA THR B 68 21.76 17.57 -8.91
C THR B 68 22.12 16.49 -7.93
N ILE B 69 21.12 15.69 -7.57
CA ILE B 69 21.29 14.55 -6.69
C ILE B 69 21.42 13.30 -7.54
N SER B 70 22.24 12.38 -7.10
CA SER B 70 22.44 11.13 -7.80
C SER B 70 22.78 10.08 -6.74
N ARG B 71 22.66 8.83 -7.16
CA ARG B 71 22.93 7.69 -6.30
C ARG B 71 23.63 6.64 -7.16
N ASP B 72 24.54 5.93 -6.51
CA ASP B 72 25.20 4.76 -7.04
C ASP B 72 24.78 3.51 -6.24
N ASN B 73 23.90 2.71 -6.84
CA ASN B 73 23.29 1.59 -6.10
C ASN B 73 24.22 0.43 -5.76
N ALA B 74 25.42 0.40 -6.34
CA ALA B 74 26.35 -0.70 -6.09
C ALA B 74 27.23 -0.38 -4.90
N LYS B 75 27.37 0.89 -4.54
CA LYS B 75 28.24 1.24 -3.43
C LYS B 75 27.48 1.90 -2.28
N ASN B 76 26.15 2.01 -2.38
CA ASN B 76 25.27 2.58 -1.30
C ASN B 76 25.72 3.98 -0.98
N MET B 77 25.80 4.80 -2.03
CA MET B 77 26.36 6.13 -1.97
C MET B 77 25.34 7.10 -2.53
N LEU B 78 25.17 8.19 -1.80
CA LEU B 78 24.38 9.32 -2.29
C LEU B 78 25.28 10.56 -2.51
N TYR B 79 25.08 11.25 -3.63
CA TYR B 79 25.84 12.42 -4.02
C TYR B 79 24.92 13.64 -4.20
N LEU B 80 25.46 14.82 -3.89
CA LEU B 80 24.82 16.10 -4.25
C LEU B 80 25.81 17.06 -4.83
N GLN B 81 25.53 17.48 -6.04
CA GLN B 81 26.40 18.29 -6.81
C GLN B 81 25.79 19.67 -6.87
N MET B 82 26.55 20.67 -6.42
CA MET B 82 26.00 22.00 -6.17
C MET B 82 26.81 22.98 -6.96
N SER B 83 26.12 23.81 -7.74
CA SER B 83 26.68 24.88 -8.53
C SER B 83 26.01 26.18 -8.20
N SER B 84 26.58 27.28 -8.71
CA SER B 84 26.01 28.60 -8.54
C SER B 84 25.55 28.79 -7.10
N LEU B 85 26.40 28.37 -6.16
CA LEU B 85 26.16 28.50 -4.75
C LEU B 85 26.05 29.95 -4.33
N LYS B 86 25.19 30.16 -3.34
CA LYS B 86 24.89 31.47 -2.81
C LYS B 86 25.07 31.44 -1.33
N PRO B 87 25.07 32.59 -0.69
CA PRO B 87 25.16 32.59 0.77
C PRO B 87 23.91 32.00 1.45
N GLU B 88 22.75 32.14 0.86
CA GLU B 88 21.54 31.45 1.33
C GLU B 88 21.74 29.92 1.48
N ASP B 89 22.64 29.32 0.71
CA ASP B 89 22.84 27.87 0.77
C ASP B 89 23.74 27.40 1.90
N THR B 90 24.23 28.32 2.71
CA THR B 90 25.06 28.03 3.87
C THR B 90 24.23 27.31 4.90
N ALA B 91 24.76 26.22 5.43
CA ALA B 91 24.00 25.26 6.30
C ALA B 91 24.81 24.03 6.56
N LEU B 92 24.32 23.23 7.50
CA LEU B 92 24.75 21.85 7.71
C LEU B 92 23.89 20.95 6.86
N TYR B 93 24.50 20.13 6.00
CA TYR B 93 23.78 19.29 5.05
C TYR B 93 23.79 17.84 5.55
N TYR B 94 22.65 17.16 5.38
CA TYR B 94 22.41 15.84 5.92
C TYR B 94 21.74 15.01 4.84
N CYS B 95 21.95 13.73 4.99
CA CYS B 95 21.38 12.79 4.06
C CYS B 95 20.56 11.78 4.85
N ASN B 96 19.51 11.22 4.24
CA ASN B 96 18.73 10.16 4.89
C ASN B 96 17.87 9.47 3.90
N ARG B 97 17.24 8.38 4.29
CA ARG B 97 16.17 7.85 3.46
C ARG B 97 14.91 8.61 3.70
N LEU B 98 13.95 8.35 2.83
CA LEU B 98 12.61 8.88 2.95
C LEU B 98 11.75 7.72 2.94
N PRO B 99 10.84 7.62 3.90
CA PRO B 99 10.86 8.47 5.09
C PRO B 99 12.08 8.24 5.97
N ASN B 100 12.28 9.14 6.92
CA ASN B 100 13.54 9.26 7.62
C ASN B 100 13.81 8.16 8.61
N TYR B 101 14.99 7.60 8.58
CA TYR B 101 15.54 6.86 9.72
C TYR B 101 15.74 7.87 10.82
N ARG B 102 15.38 7.51 12.02
CA ARG B 102 15.28 8.49 13.07
C ARG B 102 16.56 8.92 13.79
N SER B 103 17.73 8.34 13.47
CA SER B 103 19.03 8.90 13.94
C SER B 103 19.77 9.50 12.77
N TRP B 104 20.04 10.79 12.85
CA TRP B 104 20.71 11.50 11.78
C TRP B 104 22.20 11.34 11.88
N GLY B 105 22.90 11.49 10.77
CA GLY B 105 24.36 11.60 10.80
C GLY B 105 24.84 12.94 11.35
N GLN B 106 26.17 13.12 11.39
CA GLN B 106 26.78 14.35 11.88
C GLN B 106 26.56 15.49 10.92
N GLY B 107 26.34 15.19 9.65
CA GLY B 107 26.25 16.23 8.64
C GLY B 107 27.61 16.73 8.15
N THR B 108 27.56 17.55 7.12
CA THR B 108 28.75 18.20 6.58
C THR B 108 28.42 19.70 6.39
N GLN B 109 29.30 20.55 6.91
CA GLN B 109 29.06 21.99 6.92
C GLN B 109 29.41 22.56 5.57
N VAL B 110 28.53 23.41 5.07
CA VAL B 110 28.78 24.14 3.86
C VAL B 110 28.63 25.61 4.14
N THR B 111 29.64 26.40 3.86
CA THR B 111 29.56 27.85 4.10
C THR B 111 29.87 28.58 2.81
N VAL B 112 29.11 29.61 2.46
CA VAL B 112 29.38 30.33 1.23
C VAL B 112 29.58 31.84 1.47
N SER B 113 30.71 32.43 1.02
CA SER B 113 31.11 33.76 1.48
C SER B 113 32.39 34.30 0.80
N SER B 114 32.59 35.64 0.72
CA SER B 114 33.70 36.30 -0.12
C SER B 114 34.87 36.96 0.62
C1 GLC C . -22.04 -38.04 -22.80
C2 GLC C . -22.83 -37.02 -23.70
C3 GLC C . -23.75 -36.02 -23.00
C4 GLC C . -24.34 -36.61 -21.72
C5 GLC C . -23.29 -37.23 -20.77
C6 GLC C . -24.02 -37.83 -19.54
O1 GLC C . -20.64 -37.84 -22.90
O2 GLC C . -22.01 -36.26 -24.57
O3 GLC C . -24.80 -35.62 -23.86
O4 GLC C . -24.97 -35.57 -21.00
O5 GLC C . -22.35 -38.11 -21.39
O6 GLC C . -23.93 -39.22 -19.30
C1 GAL C . -26.39 -35.73 -20.90
C2 GAL C . -26.81 -35.02 -19.62
C3 GAL C . -28.33 -34.82 -19.52
C4 GAL C . -28.87 -34.25 -20.83
C5 GAL C . -28.41 -35.14 -22.00
C6 GAL C . -28.97 -34.73 -23.38
O2 GAL C . -26.39 -35.74 -18.48
O3 GAL C . -28.51 -33.92 -18.45
O4 GAL C . -28.45 -32.89 -20.90
O5 GAL C . -26.98 -35.23 -22.05
O6 GAL C . -27.92 -34.45 -24.28
C1 NAG C . -29.87 -33.73 -18.07
C2 NAG C . -29.84 -33.29 -16.62
C3 NAG C . -31.24 -33.05 -16.12
C4 NAG C . -31.90 -32.02 -17.09
C5 NAG C . -31.83 -32.56 -18.53
C6 NAG C . -32.68 -31.92 -19.66
C7 NAG C . -27.77 -34.08 -15.44
C8 NAG C . -27.25 -35.22 -14.62
N2 NAG C . -29.08 -34.22 -15.76
O3 NAG C . -30.90 -32.55 -14.84
O4 NAG C . -33.27 -32.15 -16.94
O5 NAG C . -30.48 -32.75 -18.89
O6 NAG C . -32.73 -30.52 -19.82
O7 NAG C . -26.99 -33.16 -15.76
C1 GAL C . -31.07 -33.28 -13.63
C2 GAL C . -30.66 -32.45 -12.39
C3 GAL C . -31.15 -33.10 -11.08
C4 GAL C . -32.61 -33.52 -11.17
C5 GAL C . -32.80 -34.32 -12.46
C6 GAL C . -34.24 -34.70 -12.75
O2 GAL C . -29.25 -32.21 -12.34
O3 GAL C . -30.98 -32.18 -10.03
O4 GAL C . -33.48 -32.40 -11.18
O5 GAL C . -32.44 -33.49 -13.53
O6 GAL C . -34.44 -35.98 -12.23
C1 FUC C . -28.93 -30.91 -11.82
C2 FUC C . -27.43 -30.81 -11.50
C3 FUC C . -26.64 -31.03 -12.76
C4 FUC C . -27.01 -30.05 -13.85
C5 FUC C . -28.51 -30.10 -13.99
C6 FUC C . -29.04 -29.05 -14.99
O2 FUC C . -27.03 -31.73 -10.52
O3 FUC C . -25.25 -30.89 -12.52
O4 FUC C . -26.59 -28.75 -13.51
O5 FUC C . -29.16 -29.89 -12.75
C1 FUC C . -34.02 -31.01 -16.52
C2 FUC C . -35.54 -31.16 -16.60
C3 FUC C . -35.94 -31.81 -15.25
C4 FUC C . -35.41 -30.87 -14.15
C5 FUC C . -33.93 -30.44 -14.29
C6 FUC C . -33.65 -29.31 -13.32
O2 FUC C . -35.91 -31.89 -17.75
O3 FUC C . -37.32 -32.02 -15.05
O4 FUC C . -36.20 -29.70 -14.13
O5 FUC C . -33.57 -30.02 -15.60
#